data_4REZ
#
_entry.id   4REZ
#
_cell.length_a   137.938
_cell.length_b   137.938
_cell.length_c   57.704
_cell.angle_alpha   90.00
_cell.angle_beta   90.00
_cell.angle_gamma   120.00
#
_symmetry.space_group_name_H-M   'P 63'
#
loop_
_entity.id
_entity.type
_entity.pdbx_description
1 polymer 'ORF1ab protein'
2 non-polymer 'ZINC ION'
3 non-polymer S-1,2-PROPANEDIOL
4 water water
#
_entity_poly.entity_id   1
_entity_poly.type   'polypeptide(L)'
_entity_poly.pdbx_seq_one_letter_code
;TQQLTIEVLVTVDGVNFRTVVLNNKNTYRSQLGCVFFNGADISDTIPDEKQNGHSLYLADNLTADETKALKELYGPVDPT
FLHRFYSLKAAVHGWKMVVCDKVRSLKLSDNNCYLNAVIMTLDLLKDIKFVIPALQHAFMKHKGGDSTDFIALIMAYGNC
TFGAPDDASRLLHTVLAKAELCCSARMVWREWCNVCGIKDVVLQGLKACCYVGVQTVEDLRARMTYVCQCGGERHRQLVE
HTTPWLLLSGTPNEKLVTTSTAPDFVAFNVFQGIETAVGHYVHARLKGGLILKFDSGTVSKTSDWKCKVTDVLFPGQKYS
SDCN
;
_entity_poly.pdbx_strand_id   A
#
loop_
_chem_comp.id
_chem_comp.type
_chem_comp.name
_chem_comp.formula
PGO non-polymer S-1,2-PROPANEDIOL 'C3 H8 O2'
ZN non-polymer 'ZINC ION' 'Zn 2'
#
# COMPACT_ATOMS: atom_id res chain seq x y z
N THR A 5 -4.00 41.85 -15.80
CA THR A 5 -3.99 40.43 -16.14
C THR A 5 -2.81 39.71 -15.46
N ILE A 6 -2.85 38.39 -15.45
CA ILE A 6 -1.93 37.58 -14.67
C ILE A 6 -1.29 36.45 -15.49
N GLU A 7 0.00 36.22 -15.28
CA GLU A 7 0.67 35.09 -15.89
C GLU A 7 1.36 34.22 -14.82
N VAL A 8 1.00 32.93 -14.80
CA VAL A 8 1.58 32.01 -13.83
C VAL A 8 2.19 30.78 -14.52
N LEU A 9 2.95 30.02 -13.76
CA LEU A 9 3.58 28.81 -14.27
C LEU A 9 2.82 27.56 -13.85
N VAL A 10 2.49 26.72 -14.82
CA VAL A 10 1.69 25.53 -14.57
C VAL A 10 2.51 24.25 -14.77
N THR A 11 2.50 23.38 -13.75
CA THR A 11 3.21 22.11 -13.82
C THR A 11 2.37 20.96 -13.28
N VAL A 12 2.76 19.74 -13.63
CA VAL A 12 2.10 18.55 -13.11
C VAL A 12 3.15 17.60 -12.53
N ASP A 13 4.42 17.99 -12.62
CA ASP A 13 5.53 17.13 -12.21
C ASP A 13 6.66 17.88 -11.51
N GLY A 14 6.52 19.19 -11.37
CA GLY A 14 7.54 20.01 -10.74
C GLY A 14 8.82 20.05 -11.56
N VAL A 15 8.71 19.74 -12.85
CA VAL A 15 9.85 19.73 -13.75
C VAL A 15 9.54 20.50 -15.04
N ASN A 16 8.37 20.25 -15.59
CA ASN A 16 7.93 20.92 -16.81
C ASN A 16 6.90 22.02 -16.54
N PHE A 17 7.18 23.23 -17.02
CA PHE A 17 6.33 24.38 -16.73
C PHE A 17 5.91 25.10 -18.00
N ARG A 18 4.63 25.49 -18.06
CA ARG A 18 4.16 26.34 -19.15
C ARG A 18 3.47 27.58 -18.58
N THR A 19 3.60 28.70 -19.28
CA THR A 19 3.02 29.96 -18.82
C THR A 19 1.58 30.10 -19.32
N VAL A 20 0.69 30.48 -18.42
CA VAL A 20 -0.72 30.68 -18.75
C VAL A 20 -1.15 32.09 -18.39
N VAL A 21 -1.88 32.74 -19.29
CA VAL A 21 -2.33 34.12 -19.08
C VAL A 21 -3.70 34.17 -18.43
N LEU A 22 -3.82 34.94 -17.35
CA LEU A 22 -5.06 35.01 -16.59
C LEU A 22 -5.52 36.44 -16.37
N ASN A 23 -6.83 36.67 -16.44
CA ASN A 23 -7.39 37.94 -16.00
C ASN A 23 -7.82 37.82 -14.55
N ASN A 24 -8.22 38.93 -13.94
CA ASN A 24 -8.78 38.89 -12.60
C ASN A 24 -10.29 39.10 -12.62
N LYS A 25 -10.92 38.71 -13.73
CA LYS A 25 -12.37 38.81 -13.86
C LYS A 25 -13.05 37.59 -13.26
N ASN A 26 -12.76 36.42 -13.82
CA ASN A 26 -13.34 35.18 -13.32
C ASN A 26 -12.36 34.45 -12.39
N THR A 27 -12.73 33.24 -11.99
CA THR A 27 -11.91 32.44 -11.08
C THR A 27 -10.90 31.58 -11.83
N TYR A 28 -9.90 31.08 -11.10
CA TYR A 28 -8.90 30.16 -11.64
C TYR A 28 -9.54 28.98 -12.36
N ARG A 29 -10.53 28.38 -11.69
CA ARG A 29 -11.22 27.20 -12.21
C ARG A 29 -11.89 27.49 -13.56
N SER A 30 -12.45 28.67 -13.70
CA SER A 30 -13.14 29.05 -14.93
C SER A 30 -12.15 29.36 -16.05
N GLN A 31 -11.10 30.09 -15.74
CA GLN A 31 -10.10 30.45 -16.75
C GLN A 31 -9.24 29.26 -17.13
N LEU A 32 -8.76 28.55 -16.10
CA LEU A 32 -7.67 27.58 -16.27
C LEU A 32 -8.09 26.16 -15.90
N GLY A 33 -8.50 25.98 -14.64
CA GLY A 33 -8.89 24.67 -14.15
C GLY A 33 -8.52 24.51 -12.69
N CYS A 34 -8.60 23.27 -12.19
CA CYS A 34 -8.26 22.99 -10.81
C CYS A 34 -6.78 23.23 -10.57
N VAL A 35 -6.46 24.18 -9.70
CA VAL A 35 -5.08 24.54 -9.45
C VAL A 35 -4.75 24.58 -7.95
N PHE A 36 -3.62 23.98 -7.60
CA PHE A 36 -3.14 24.00 -6.22
C PHE A 36 -1.92 24.91 -6.10
N PHE A 37 -1.91 25.74 -5.07
CA PHE A 37 -0.80 26.66 -4.82
C PHE A 37 -0.30 26.49 -3.39
N ASN A 38 0.93 25.98 -3.25
CA ASN A 38 1.52 25.67 -1.96
C ASN A 38 0.63 24.75 -1.13
N GLY A 39 0.01 23.78 -1.80
CA GLY A 39 -0.82 22.79 -1.15
C GLY A 39 -2.30 23.12 -1.17
N ALA A 40 -2.61 24.41 -1.22
CA ALA A 40 -4.00 24.87 -1.14
C ALA A 40 -4.69 24.87 -2.49
N ASP A 41 -5.89 24.29 -2.52
CA ASP A 41 -6.77 24.37 -3.68
C ASP A 41 -7.39 25.76 -3.75
N ILE A 42 -6.98 26.54 -4.75
CA ILE A 42 -7.48 27.90 -4.91
C ILE A 42 -8.22 28.08 -6.22
N SER A 43 -8.80 27.00 -6.73
CA SER A 43 -9.51 27.03 -8.01
C SER A 43 -10.64 28.04 -8.02
N ASP A 44 -11.34 28.16 -6.89
CA ASP A 44 -12.50 29.04 -6.78
C ASP A 44 -12.18 30.35 -6.09
N THR A 45 -11.02 30.92 -6.42
CA THR A 45 -10.69 32.23 -5.89
C THR A 45 -10.42 33.19 -7.03
N ILE A 46 -10.23 34.46 -6.70
CA ILE A 46 -9.77 35.45 -7.68
C ILE A 46 -8.25 35.54 -7.76
N PRO A 47 -7.67 35.39 -8.96
CA PRO A 47 -6.23 35.58 -9.14
C PRO A 47 -5.72 36.91 -8.64
N ASP A 48 -4.81 36.87 -7.68
CA ASP A 48 -4.25 38.09 -7.10
C ASP A 48 -2.87 38.33 -7.66
N GLU A 49 -2.39 39.57 -7.57
CA GLU A 49 -1.10 39.94 -8.14
C GLU A 49 0.07 39.30 -7.40
N LYS A 50 -0.20 38.94 -6.16
CA LYS A 50 0.79 38.34 -5.29
C LYS A 50 0.99 36.86 -5.65
N GLN A 51 0.16 36.38 -6.56
CA GLN A 51 0.26 35.00 -7.04
C GLN A 51 0.89 34.95 -8.42
N ASN A 52 1.58 36.02 -8.78
CA ASN A 52 2.16 36.16 -10.11
C ASN A 52 3.59 35.61 -10.19
N GLY A 53 3.86 34.85 -11.25
CA GLY A 53 5.17 34.27 -11.45
C GLY A 53 5.34 32.94 -10.74
N HIS A 54 4.65 32.80 -9.60
CA HIS A 54 4.70 31.58 -8.81
C HIS A 54 4.18 30.38 -9.59
N SER A 55 4.46 29.18 -9.07
CA SER A 55 4.11 27.94 -9.76
C SER A 55 2.84 27.32 -9.22
N LEU A 56 1.97 26.86 -10.12
CA LEU A 56 0.75 26.16 -9.73
C LEU A 56 0.79 24.72 -10.18
N TYR A 57 0.16 23.84 -9.40
CA TYR A 57 0.02 22.45 -9.80
C TYR A 57 -1.39 22.18 -10.34
N LEU A 58 -1.46 22.00 -11.65
CA LEU A 58 -2.73 21.79 -12.33
C LEU A 58 -3.26 20.38 -12.05
N ALA A 59 -4.58 20.22 -12.01
CA ALA A 59 -5.17 18.93 -11.66
C ALA A 59 -6.11 18.40 -12.74
N ASP A 60 -6.68 19.31 -13.53
CA ASP A 60 -7.50 18.91 -14.68
C ASP A 60 -7.27 19.84 -15.86
N ASN A 61 -7.91 19.54 -16.98
CA ASN A 61 -7.71 20.29 -18.21
C ASN A 61 -6.24 20.32 -18.61
N LEU A 62 -5.64 19.14 -18.74
CA LEU A 62 -4.22 19.02 -19.06
C LEU A 62 -3.98 19.03 -20.56
N THR A 63 -2.83 19.55 -20.98
CA THR A 63 -2.42 19.47 -22.38
C THR A 63 -2.08 18.03 -22.73
N ALA A 64 -1.97 17.74 -24.03
CA ALA A 64 -1.60 16.41 -24.48
C ALA A 64 -0.21 16.03 -23.97
N ASP A 65 0.64 17.05 -23.78
CA ASP A 65 1.96 16.85 -23.19
C ASP A 65 1.86 16.48 -21.72
N GLU A 66 1.30 17.39 -20.93
CA GLU A 66 1.13 17.19 -19.50
C GLU A 66 0.43 15.88 -19.16
N THR A 67 -0.51 15.49 -20.02
CA THR A 67 -1.23 14.23 -19.85
C THR A 67 -0.29 13.04 -20.02
N LYS A 68 0.63 13.14 -20.98
CA LYS A 68 1.61 12.10 -21.23
C LYS A 68 2.63 12.02 -20.08
N ALA A 69 3.05 13.17 -19.59
CA ALA A 69 4.00 13.23 -18.49
C ALA A 69 3.36 12.74 -17.18
N LEU A 70 2.03 12.83 -17.12
CA LEU A 70 1.29 12.31 -15.97
C LEU A 70 1.30 10.79 -15.96
N LYS A 71 1.03 10.21 -17.12
CA LYS A 71 0.93 8.76 -17.26
C LYS A 71 2.28 8.06 -17.06
N GLU A 72 3.37 8.81 -17.19
CA GLU A 72 4.69 8.23 -16.99
C GLU A 72 5.11 8.37 -15.53
N LEU A 73 4.57 9.37 -14.85
CA LEU A 73 4.93 9.64 -13.46
C LEU A 73 4.10 8.81 -12.49
N TYR A 74 2.82 8.62 -12.81
CA TYR A 74 1.91 7.94 -11.90
C TYR A 74 1.36 6.63 -12.48
N GLY A 75 1.63 6.38 -13.75
CA GLY A 75 1.01 5.25 -14.44
C GLY A 75 -0.35 5.66 -14.94
N PRO A 76 -1.09 4.73 -15.56
CA PRO A 76 -2.42 5.06 -16.07
C PRO A 76 -3.42 5.31 -14.93
N VAL A 77 -3.94 6.53 -14.85
CA VAL A 77 -4.88 6.88 -13.79
C VAL A 77 -6.12 7.59 -14.33
N ASP A 78 -7.22 7.49 -13.57
CA ASP A 78 -8.48 8.12 -13.94
C ASP A 78 -8.36 9.65 -13.85
N PRO A 79 -9.20 10.38 -14.61
CA PRO A 79 -9.14 11.85 -14.68
C PRO A 79 -9.34 12.57 -13.35
N THR A 80 -9.78 11.87 -12.31
CA THR A 80 -10.01 12.51 -11.01
C THR A 80 -8.89 12.20 -10.03
N PHE A 81 -7.88 11.46 -10.47
CA PHE A 81 -6.78 11.03 -9.60
C PHE A 81 -5.99 12.19 -9.02
N LEU A 82 -5.48 13.05 -9.90
CA LEU A 82 -4.57 14.12 -9.52
C LEU A 82 -5.19 15.06 -8.50
N HIS A 83 -6.45 15.44 -8.74
CA HIS A 83 -7.20 16.27 -7.80
C HIS A 83 -7.37 15.54 -6.46
N ARG A 84 -7.72 14.26 -6.52
CA ARG A 84 -7.90 13.46 -5.31
C ARG A 84 -6.60 13.36 -4.52
N PHE A 85 -5.50 13.14 -5.23
CA PHE A 85 -4.19 12.99 -4.60
C PHE A 85 -3.72 14.31 -3.97
N TYR A 86 -3.87 15.40 -4.70
CA TYR A 86 -3.51 16.73 -4.19
C TYR A 86 -4.36 17.08 -2.97
N SER A 87 -5.66 16.79 -3.07
CA SER A 87 -6.60 17.04 -1.98
C SER A 87 -6.22 16.26 -0.73
N LEU A 88 -5.87 14.99 -0.92
CA LEU A 88 -5.49 14.12 0.18
C LEU A 88 -4.24 14.63 0.91
N LYS A 89 -3.31 15.19 0.14
CA LYS A 89 -2.08 15.75 0.71
C LYS A 89 -2.38 16.86 1.71
N ALA A 90 -3.33 17.73 1.35
CA ALA A 90 -3.74 18.82 2.22
C ALA A 90 -4.49 18.29 3.44
N ALA A 91 -5.28 17.24 3.22
CA ALA A 91 -6.11 16.67 4.27
C ALA A 91 -5.26 16.02 5.36
N VAL A 92 -4.16 15.40 4.96
CA VAL A 92 -3.39 14.56 5.88
C VAL A 92 -2.08 15.17 6.37
N HIS A 93 -1.87 16.46 6.12
CA HIS A 93 -0.64 17.10 6.58
C HIS A 93 -0.70 17.34 8.09
N GLY A 94 -1.91 17.26 8.65
CA GLY A 94 -2.11 17.48 10.07
C GLY A 94 -1.74 16.24 10.89
N TRP A 95 -1.70 15.09 10.24
CA TRP A 95 -1.40 13.83 10.90
C TRP A 95 0.02 13.81 11.44
N LYS A 96 0.23 13.05 12.52
CA LYS A 96 1.55 12.99 13.16
C LYS A 96 2.07 11.56 13.29
N MET A 97 3.39 11.44 13.39
CA MET A 97 4.04 10.15 13.54
C MET A 97 4.72 10.03 14.89
N VAL A 98 4.43 8.95 15.61
CA VAL A 98 5.09 8.67 16.89
C VAL A 98 6.31 7.80 16.65
N VAL A 99 7.37 8.02 17.43
CA VAL A 99 8.60 7.25 17.27
C VAL A 99 9.03 6.63 18.60
N CYS A 100 8.73 5.34 18.76
CA CYS A 100 9.08 4.62 19.97
C CYS A 100 10.25 3.66 19.72
N ASP A 101 11.42 4.02 20.24
CA ASP A 101 12.66 3.25 20.05
C ASP A 101 12.96 3.03 18.58
N LYS A 102 13.12 4.13 17.85
CA LYS A 102 13.47 4.11 16.42
C LYS A 102 12.45 3.34 15.58
N VAL A 103 11.24 3.22 16.10
CA VAL A 103 10.16 2.58 15.35
C VAL A 103 9.03 3.59 15.14
N ARG A 104 8.71 3.86 13.87
CA ARG A 104 7.73 4.89 13.54
C ARG A 104 6.33 4.31 13.38
N SER A 105 5.37 4.92 14.07
CA SER A 105 3.97 4.53 14.00
C SER A 105 3.09 5.76 13.76
N LEU A 106 1.93 5.54 13.13
CA LEU A 106 1.03 6.64 12.78
C LEU A 106 0.01 6.92 13.88
N LYS A 107 0.11 8.10 14.49
CA LYS A 107 -0.83 8.52 15.52
C LYS A 107 -2.26 8.56 14.97
N LEU A 108 -3.22 8.16 15.79
CA LEU A 108 -4.60 8.01 15.36
C LEU A 108 -5.28 9.36 15.08
N SER A 109 -5.98 9.42 13.95
CA SER A 109 -6.77 10.59 13.56
C SER A 109 -7.63 10.27 12.34
N ASP A 110 -8.89 10.68 12.36
CA ASP A 110 -9.78 10.52 11.22
C ASP A 110 -9.90 9.08 10.74
N ASN A 111 -9.96 8.15 11.69
CA ASN A 111 -10.06 6.72 11.39
C ASN A 111 -8.94 6.21 10.46
N ASN A 112 -7.71 6.60 10.75
CA ASN A 112 -6.58 6.21 9.93
C ASN A 112 -5.81 5.02 10.50
N CYS A 113 -6.48 4.24 11.34
CA CYS A 113 -5.84 3.10 12.01
C CYS A 113 -5.35 2.05 11.02
N TYR A 114 -6.09 1.89 9.91
CA TYR A 114 -5.72 0.89 8.92
C TYR A 114 -4.45 1.28 8.16
N LEU A 115 -4.26 2.58 7.97
CA LEU A 115 -3.06 3.08 7.31
C LEU A 115 -1.84 2.85 8.20
N ASN A 116 -2.05 2.85 9.51
CA ASN A 116 -1.00 2.48 10.45
C ASN A 116 -0.65 1.01 10.28
N ALA A 117 -1.65 0.18 9.98
CA ALA A 117 -1.43 -1.24 9.76
C ALA A 117 -0.63 -1.47 8.48
N VAL A 118 -1.07 -0.86 7.39
CA VAL A 118 -0.43 -1.02 6.09
C VAL A 118 1.05 -0.61 6.11
N ILE A 119 1.31 0.56 6.65
CA ILE A 119 2.64 1.17 6.61
C ILE A 119 3.63 0.46 7.54
N MET A 120 3.16 0.06 8.72
CA MET A 120 4.05 -0.64 9.65
C MET A 120 4.37 -2.04 9.14
N THR A 121 3.49 -2.58 8.30
CA THR A 121 3.77 -3.84 7.63
C THR A 121 4.83 -3.64 6.56
N LEU A 122 4.59 -2.67 5.68
CA LEU A 122 5.48 -2.34 4.57
C LEU A 122 6.90 -1.99 5.01
N ASP A 123 7.03 -1.47 6.23
CA ASP A 123 8.33 -1.09 6.76
C ASP A 123 9.16 -2.31 7.14
N LEU A 124 8.54 -3.47 7.13
CA LEU A 124 9.23 -4.71 7.47
C LEU A 124 9.59 -5.49 6.21
N LEU A 125 8.80 -5.30 5.16
CA LEU A 125 9.03 -5.98 3.90
C LEU A 125 10.37 -5.56 3.29
N LYS A 126 11.25 -6.54 3.10
CA LYS A 126 12.60 -6.28 2.59
C LYS A 126 12.66 -6.43 1.08
N ASP A 127 13.54 -5.66 0.45
CA ASP A 127 13.86 -5.78 -0.98
C ASP A 127 12.67 -5.52 -1.89
N ILE A 128 11.80 -4.59 -1.51
CA ILE A 128 10.72 -4.19 -2.40
C ILE A 128 10.98 -2.81 -3.00
N LYS A 129 10.42 -2.59 -4.18
CA LYS A 129 10.47 -1.28 -4.83
C LYS A 129 9.27 -1.15 -5.76
N PHE A 130 8.93 0.08 -6.11
CA PHE A 130 7.76 0.32 -6.95
C PHE A 130 8.19 0.73 -8.36
N VAL A 131 7.48 0.20 -9.35
CA VAL A 131 7.78 0.52 -10.75
C VAL A 131 7.34 1.94 -11.10
N ILE A 132 6.20 2.36 -10.56
CA ILE A 132 5.71 3.72 -10.76
C ILE A 132 6.62 4.71 -10.05
N PRO A 133 7.24 5.62 -10.82
CA PRO A 133 8.25 6.58 -10.33
C PRO A 133 7.79 7.43 -9.15
N ALA A 134 6.61 8.04 -9.26
CA ALA A 134 6.11 8.91 -8.20
C ALA A 134 5.90 8.16 -6.89
N LEU A 135 5.45 6.92 -7.00
CA LEU A 135 5.22 6.08 -5.82
C LEU A 135 6.54 5.65 -5.20
N GLN A 136 7.51 5.32 -6.04
CA GLN A 136 8.83 4.93 -5.57
C GLN A 136 9.56 6.10 -4.93
N HIS A 137 9.37 7.30 -5.49
CA HIS A 137 9.96 8.51 -4.93
C HIS A 137 9.35 8.81 -3.57
N ALA A 138 8.04 8.65 -3.49
CA ALA A 138 7.33 8.87 -2.22
C ALA A 138 7.76 7.84 -1.19
N PHE A 139 7.99 6.61 -1.65
CA PHE A 139 8.41 5.52 -0.79
C PHE A 139 9.78 5.80 -0.17
N MET A 140 10.68 6.36 -0.98
CA MET A 140 12.02 6.72 -0.50
C MET A 140 11.95 7.91 0.44
N LYS A 141 10.95 8.78 0.23
CA LYS A 141 10.72 9.89 1.13
C LYS A 141 10.21 9.40 2.48
N HIS A 142 9.34 8.38 2.44
CA HIS A 142 8.76 7.80 3.65
C HIS A 142 9.81 7.15 4.54
N LYS A 143 10.72 6.39 3.93
CA LYS A 143 11.80 5.76 4.68
C LYS A 143 12.81 6.81 5.13
N GLY A 144 12.76 7.97 4.49
CA GLY A 144 13.64 9.08 4.85
C GLY A 144 13.12 9.85 6.05
N GLY A 145 11.82 9.73 6.33
CA GLY A 145 11.24 10.36 7.49
C GLY A 145 10.07 11.28 7.18
N ASP A 146 9.83 11.51 5.90
CA ASP A 146 8.72 12.34 5.46
C ASP A 146 7.71 11.49 4.69
N SER A 147 6.57 11.23 5.30
CA SER A 147 5.64 10.22 4.79
C SER A 147 4.35 10.78 4.19
N THR A 148 4.23 12.10 4.11
CA THR A 148 2.98 12.73 3.64
C THR A 148 2.65 12.34 2.20
N ASP A 149 3.64 12.41 1.32
CA ASP A 149 3.45 12.06 -0.08
C ASP A 149 3.02 10.61 -0.26
N PHE A 150 3.68 9.71 0.48
CA PHE A 150 3.40 8.28 0.36
C PHE A 150 2.00 7.92 0.85
N ILE A 151 1.70 8.29 2.09
CA ILE A 151 0.41 8.04 2.69
C ILE A 151 -0.72 8.55 1.80
N ALA A 152 -0.56 9.78 1.31
CA ALA A 152 -1.54 10.38 0.42
C ALA A 152 -1.67 9.59 -0.87
N LEU A 153 -0.55 9.14 -1.41
CA LEU A 153 -0.51 8.45 -2.69
C LEU A 153 -1.26 7.12 -2.68
N ILE A 154 -1.01 6.30 -1.66
CA ILE A 154 -1.64 4.99 -1.59
C ILE A 154 -3.13 5.11 -1.25
N MET A 155 -3.51 6.23 -0.65
CA MET A 155 -4.92 6.53 -0.42
C MET A 155 -5.56 6.91 -1.75
N ALA A 156 -4.79 7.59 -2.59
CA ALA A 156 -5.25 8.01 -3.90
C ALA A 156 -5.44 6.79 -4.82
N TYR A 157 -4.40 5.97 -4.92
CA TYR A 157 -4.47 4.74 -5.72
C TYR A 157 -5.52 3.78 -5.17
N GLY A 158 -5.75 3.85 -3.86
CA GLY A 158 -6.69 2.96 -3.21
C GLY A 158 -8.12 3.45 -3.26
N ASN A 159 -8.32 4.60 -3.90
CA ASN A 159 -9.62 5.26 -3.97
C ASN A 159 -10.25 5.47 -2.61
N CYS A 160 -9.40 5.65 -1.60
CA CYS A 160 -9.87 5.88 -0.24
C CYS A 160 -10.52 7.26 -0.12
N THR A 161 -11.07 7.54 1.06
CA THR A 161 -11.70 8.83 1.31
C THR A 161 -11.29 9.30 2.71
N PHE A 162 -10.93 10.58 2.82
CA PHE A 162 -10.42 11.12 4.08
C PHE A 162 -11.46 11.06 5.19
N GLY A 163 -11.07 10.46 6.31
CA GLY A 163 -11.96 10.30 7.44
C GLY A 163 -12.60 8.93 7.47
N ALA A 164 -13.10 8.48 6.31
CA ALA A 164 -13.80 7.21 6.22
C ALA A 164 -12.88 6.03 6.55
N PRO A 165 -13.40 5.05 7.30
CA PRO A 165 -12.66 3.84 7.65
C PRO A 165 -12.51 2.92 6.43
N ASP A 166 -11.59 1.96 6.48
CA ASP A 166 -11.33 1.13 5.31
C ASP A 166 -10.64 -0.20 5.62
N ASP A 167 -10.74 -1.13 4.68
CA ASP A 167 -10.13 -2.46 4.80
C ASP A 167 -8.63 -2.40 4.59
N ALA A 168 -7.87 -2.66 5.65
CA ALA A 168 -6.42 -2.56 5.61
C ALA A 168 -5.80 -3.60 4.68
N SER A 169 -6.34 -4.82 4.69
CA SER A 169 -5.82 -5.90 3.86
C SER A 169 -6.10 -5.68 2.38
N ARG A 170 -7.22 -5.03 2.08
CA ARG A 170 -7.54 -4.67 0.70
C ARG A 170 -6.51 -3.68 0.17
N LEU A 171 -6.09 -2.77 1.04
CA LEU A 171 -5.14 -1.73 0.65
C LEU A 171 -3.72 -2.28 0.51
N LEU A 172 -3.33 -3.16 1.44
CA LEU A 172 -2.00 -3.75 1.41
C LEU A 172 -1.84 -4.61 0.17
N HIS A 173 -2.96 -5.02 -0.42
CA HIS A 173 -2.96 -5.72 -1.69
C HIS A 173 -2.70 -4.75 -2.84
N THR A 174 -3.47 -3.66 -2.88
CA THR A 174 -3.36 -2.66 -3.94
C THR A 174 -1.95 -2.08 -4.03
N VAL A 175 -1.36 -1.78 -2.88
CA VAL A 175 0.00 -1.26 -2.83
C VAL A 175 1.01 -2.28 -3.33
N LEU A 176 0.92 -3.51 -2.81
CA LEU A 176 1.83 -4.57 -3.21
C LEU A 176 1.61 -5.00 -4.64
N ALA A 177 0.43 -4.71 -5.18
CA ALA A 177 0.13 -5.03 -6.57
C ALA A 177 0.99 -4.18 -7.51
N LYS A 178 1.51 -3.08 -6.98
CA LYS A 178 2.29 -2.14 -7.77
C LYS A 178 3.79 -2.23 -7.49
N ALA A 179 4.17 -3.08 -6.53
CA ALA A 179 5.58 -3.24 -6.17
C ALA A 179 6.21 -4.41 -6.91
N GLU A 180 7.48 -4.68 -6.61
CA GLU A 180 8.17 -5.85 -7.14
C GLU A 180 9.39 -6.18 -6.29
N LEU A 181 9.92 -7.39 -6.43
CA LEU A 181 11.06 -7.83 -5.62
C LEU A 181 12.39 -7.46 -6.28
N CYS A 182 13.36 -7.11 -5.43
CA CYS A 182 14.72 -6.83 -5.88
C CYS A 182 15.59 -8.06 -5.73
N CYS A 183 14.95 -9.22 -5.61
CA CYS A 183 15.67 -10.48 -5.43
C CYS A 183 14.88 -11.67 -5.95
N SER A 184 15.40 -12.87 -5.69
CA SER A 184 14.78 -14.10 -6.18
C SER A 184 13.75 -14.67 -5.20
N ALA A 185 12.63 -15.13 -5.73
CA ALA A 185 11.60 -15.78 -4.94
C ALA A 185 10.84 -16.80 -5.78
N ARG A 186 10.65 -18.00 -5.24
CA ARG A 186 10.00 -19.08 -5.98
C ARG A 186 8.93 -19.78 -5.16
N MET A 187 7.79 -20.04 -5.81
CA MET A 187 6.69 -20.77 -5.18
C MET A 187 6.02 -21.69 -6.18
N VAL A 188 6.20 -22.99 -5.99
CA VAL A 188 5.65 -23.97 -6.91
C VAL A 188 4.55 -24.82 -6.27
N TRP A 189 3.37 -24.80 -6.86
CA TRP A 189 2.26 -25.64 -6.41
C TRP A 189 2.10 -26.82 -7.36
N ARG A 190 1.91 -28.01 -6.78
CA ARG A 190 1.83 -29.23 -7.58
C ARG A 190 0.47 -29.91 -7.44
N GLU A 191 -0.33 -29.85 -8.50
CA GLU A 191 -1.61 -30.55 -8.56
C GLU A 191 -1.43 -31.87 -9.28
N TRP A 192 -2.36 -32.81 -9.08
CA TRP A 192 -2.36 -34.04 -9.86
C TRP A 192 -3.70 -34.78 -9.83
N CYS A 193 -4.08 -35.26 -11.01
CA CYS A 193 -5.28 -36.07 -11.21
C CYS A 193 -4.90 -37.27 -12.06
N ASN A 194 -5.32 -38.47 -11.66
CA ASN A 194 -4.85 -39.70 -12.30
C ASN A 194 -5.29 -39.87 -13.75
N VAL A 195 -6.43 -39.29 -14.09
CA VAL A 195 -6.92 -39.32 -15.47
C VAL A 195 -6.38 -38.11 -16.24
N CYS A 196 -6.17 -37.01 -15.51
CA CYS A 196 -5.76 -35.75 -16.13
C CYS A 196 -4.24 -35.56 -16.16
N GLY A 197 -3.57 -35.79 -15.04
CA GLY A 197 -2.12 -35.70 -14.98
C GLY A 197 -1.56 -34.71 -13.99
N ILE A 198 -0.24 -34.77 -13.79
CA ILE A 198 0.45 -33.87 -12.87
C ILE A 198 0.66 -32.49 -13.50
N LYS A 199 0.45 -31.45 -12.71
CA LYS A 199 0.59 -30.08 -13.19
C LYS A 199 1.28 -29.20 -12.15
N ASP A 200 2.31 -28.48 -12.57
CA ASP A 200 3.03 -27.57 -11.68
C ASP A 200 2.67 -26.12 -11.96
N VAL A 201 2.20 -25.43 -10.93
CA VAL A 201 1.86 -24.02 -11.05
C VAL A 201 2.92 -23.18 -10.35
N VAL A 202 3.56 -22.28 -11.10
CA VAL A 202 4.71 -21.55 -10.59
C VAL A 202 4.41 -20.06 -10.38
N LEU A 203 4.92 -19.53 -9.27
CA LEU A 203 4.87 -18.09 -9.01
C LEU A 203 6.26 -17.58 -8.64
N GLN A 204 6.66 -16.47 -9.23
CA GLN A 204 7.97 -15.88 -8.97
C GLN A 204 7.86 -14.45 -8.49
N GLY A 205 8.91 -13.98 -7.81
CA GLY A 205 8.95 -12.62 -7.30
C GLY A 205 8.01 -12.37 -6.13
N LEU A 206 7.38 -11.21 -6.13
CA LEU A 206 6.47 -10.79 -5.06
C LEU A 206 5.33 -11.77 -4.83
N LYS A 207 4.73 -12.23 -5.93
CA LYS A 207 3.57 -13.12 -5.85
C LYS A 207 3.90 -14.44 -5.16
N ALA A 208 5.20 -14.73 -5.04
CA ALA A 208 5.65 -15.93 -4.33
C ALA A 208 5.85 -15.65 -2.85
N CYS A 209 5.70 -14.38 -2.47
CA CYS A 209 5.92 -13.97 -1.08
C CYS A 209 4.62 -13.63 -0.36
N CYS A 210 3.52 -13.61 -1.09
CA CYS A 210 2.23 -13.25 -0.51
C CYS A 210 1.13 -14.22 -0.90
N TYR A 211 0.43 -14.76 0.09
CA TYR A 211 -0.72 -15.62 -0.17
C TYR A 211 -1.95 -15.16 0.61
N VAL A 212 -3.10 -15.24 -0.04
CA VAL A 212 -4.38 -14.92 0.58
C VAL A 212 -5.21 -16.18 0.80
N GLY A 213 -5.62 -16.41 2.04
CA GLY A 213 -6.49 -17.54 2.34
C GLY A 213 -6.12 -18.32 3.59
N VAL A 214 -4.83 -18.32 3.94
CA VAL A 214 -4.33 -19.11 5.05
C VAL A 214 -3.43 -18.27 5.96
N GLN A 215 -3.53 -18.49 7.27
CA GLN A 215 -2.87 -17.61 8.25
C GLN A 215 -1.51 -18.10 8.77
N THR A 216 -1.18 -19.37 8.59
CA THR A 216 0.11 -19.86 9.08
C THR A 216 0.80 -20.80 8.09
N VAL A 217 2.11 -20.96 8.28
CA VAL A 217 2.97 -21.80 7.44
C VAL A 217 2.45 -23.23 7.34
N GLU A 218 1.88 -23.73 8.44
CA GLU A 218 1.40 -25.10 8.51
C GLU A 218 0.25 -25.37 7.55
N ASP A 219 -0.82 -24.58 7.66
CA ASP A 219 -2.00 -24.77 6.81
C ASP A 219 -1.69 -24.48 5.35
N LEU A 220 -0.56 -23.84 5.10
CA LEU A 220 -0.11 -23.52 3.75
C LEU A 220 0.52 -24.73 3.07
N ARG A 221 1.43 -25.39 3.78
CA ARG A 221 2.14 -26.54 3.23
C ARG A 221 1.30 -27.83 3.33
N ALA A 222 -0.02 -27.68 3.40
CA ALA A 222 -0.92 -28.81 3.60
C ALA A 222 -1.58 -29.24 2.29
N ARG A 223 -1.88 -30.53 2.20
CA ARG A 223 -2.41 -31.11 0.96
C ARG A 223 -3.89 -30.84 0.79
N MET A 224 -4.22 -29.95 -0.14
CA MET A 224 -5.59 -29.66 -0.49
C MET A 224 -6.17 -30.83 -1.28
N THR A 225 -7.49 -30.96 -1.28
CA THR A 225 -8.15 -32.02 -2.03
C THR A 225 -9.51 -31.55 -2.54
N TYR A 226 -9.79 -31.84 -3.81
CA TYR A 226 -11.04 -31.40 -4.43
C TYR A 226 -11.34 -32.20 -5.70
N VAL A 227 -12.15 -31.63 -6.58
CA VAL A 227 -12.55 -32.32 -7.80
C VAL A 227 -11.99 -31.66 -9.06
N CYS A 228 -11.29 -32.45 -9.85
CA CYS A 228 -10.75 -32.01 -11.13
C CYS A 228 -11.87 -31.75 -12.14
N GLN A 229 -11.64 -30.80 -13.04
CA GLN A 229 -12.59 -30.53 -14.12
C GLN A 229 -12.71 -31.77 -15.01
N CYS A 230 -11.70 -32.63 -14.95
CA CYS A 230 -11.74 -33.93 -15.60
C CYS A 230 -12.87 -34.77 -15.03
N GLY A 231 -13.14 -34.59 -13.74
CA GLY A 231 -14.23 -35.29 -13.07
C GLY A 231 -13.74 -36.39 -12.14
N GLY A 232 -12.90 -36.03 -11.18
CA GLY A 232 -12.38 -37.00 -10.24
C GLY A 232 -11.58 -36.38 -9.09
N GLU A 233 -10.98 -37.25 -8.29
CA GLU A 233 -10.23 -36.83 -7.11
C GLU A 233 -8.94 -36.10 -7.47
N ARG A 234 -8.92 -34.79 -7.26
CA ARG A 234 -7.73 -33.99 -7.55
C ARG A 234 -7.03 -33.60 -6.26
N HIS A 235 -5.73 -33.32 -6.35
CA HIS A 235 -4.93 -32.93 -5.19
C HIS A 235 -4.14 -31.65 -5.45
N ARG A 236 -3.45 -31.17 -4.43
CA ARG A 236 -2.67 -29.94 -4.52
C ARG A 236 -1.75 -29.80 -3.31
N GLN A 237 -0.50 -29.40 -3.53
CA GLN A 237 0.46 -29.23 -2.45
C GLN A 237 1.66 -28.37 -2.85
N LEU A 238 2.12 -27.55 -1.91
CA LEU A 238 3.31 -26.72 -2.11
C LEU A 238 4.58 -27.55 -1.97
N VAL A 239 5.36 -27.63 -3.04
CA VAL A 239 6.57 -28.46 -3.03
C VAL A 239 7.86 -27.64 -3.01
N GLU A 240 7.79 -26.38 -3.41
CA GLU A 240 8.96 -25.50 -3.36
C GLU A 240 8.58 -24.09 -2.90
N HIS A 241 9.41 -23.54 -2.02
CA HIS A 241 9.13 -22.23 -1.45
C HIS A 241 10.43 -21.56 -1.01
N THR A 242 10.85 -20.53 -1.75
CA THR A 242 12.06 -19.78 -1.42
C THR A 242 11.78 -18.28 -1.43
N THR A 243 11.79 -17.66 -0.26
CA THR A 243 11.47 -16.23 -0.13
C THR A 243 12.42 -15.52 0.84
N PRO A 244 12.49 -14.18 0.75
CA PRO A 244 13.16 -13.41 1.80
C PRO A 244 12.22 -13.17 2.98
N TRP A 245 10.91 -13.24 2.70
CA TRP A 245 9.88 -13.08 3.71
C TRP A 245 8.55 -13.61 3.15
N LEU A 246 7.59 -13.87 4.03
CA LEU A 246 6.32 -14.42 3.62
C LEU A 246 5.15 -13.68 4.28
N LEU A 247 4.20 -13.24 3.45
CA LEU A 247 3.04 -12.50 3.96
C LEU A 247 1.73 -13.26 3.73
N LEU A 248 1.25 -13.90 4.80
CA LEU A 248 -0.01 -14.61 4.75
C LEU A 248 -1.14 -13.75 5.32
N SER A 249 -2.30 -13.75 4.65
CA SER A 249 -3.40 -12.90 5.06
C SER A 249 -4.77 -13.48 4.75
N GLY A 250 -5.65 -13.50 5.75
CA GLY A 250 -7.01 -13.96 5.57
C GLY A 250 -7.98 -13.17 6.43
N THR A 251 -9.24 -13.60 6.43
CA THR A 251 -10.28 -12.96 7.23
C THR A 251 -9.91 -12.98 8.73
N PRO A 252 -10.42 -12.00 9.50
CA PRO A 252 -10.11 -11.92 10.94
C PRO A 252 -10.33 -13.23 11.69
N ASN A 253 -9.27 -13.72 12.31
CA ASN A 253 -9.25 -15.06 12.89
C ASN A 253 -8.84 -15.04 14.36
N GLU A 254 -9.79 -15.35 15.24
CA GLU A 254 -9.57 -15.27 16.68
C GLU A 254 -8.70 -16.43 17.18
N LYS A 255 -7.68 -16.11 17.97
CA LYS A 255 -6.76 -17.10 18.52
C LYS A 255 -5.89 -16.49 19.62
N LEU A 256 -5.17 -17.34 20.33
CA LEU A 256 -4.22 -16.88 21.34
C LEU A 256 -2.79 -16.96 20.82
N VAL A 257 -2.11 -15.83 20.79
CA VAL A 257 -0.71 -15.78 20.38
C VAL A 257 0.20 -15.79 21.59
N THR A 258 1.10 -16.77 21.66
CA THR A 258 2.01 -16.88 22.79
C THR A 258 3.45 -16.57 22.34
N THR A 259 4.28 -16.15 23.29
CA THR A 259 5.67 -15.84 22.97
C THR A 259 6.63 -16.79 23.69
N ALA A 262 8.51 -20.22 22.07
CA ALA A 262 8.69 -19.01 21.27
C ALA A 262 8.52 -19.31 19.78
N PRO A 263 7.36 -18.91 19.22
CA PRO A 263 7.04 -19.06 17.81
C PRO A 263 7.98 -18.29 16.89
N ASP A 264 7.68 -18.28 15.59
CA ASP A 264 8.57 -17.65 14.62
C ASP A 264 7.86 -16.67 13.70
N PHE A 265 6.85 -15.97 14.22
CA PHE A 265 6.29 -14.84 13.47
C PHE A 265 7.32 -13.72 13.58
N VAL A 266 7.13 -12.65 12.81
CA VAL A 266 7.92 -11.45 13.03
C VAL A 266 6.98 -10.29 13.32
N ALA A 267 5.73 -10.42 12.85
CA ALA A 267 4.72 -9.39 13.02
C ALA A 267 3.36 -9.86 12.52
N PHE A 268 2.32 -9.13 12.88
CA PHE A 268 0.96 -9.42 12.41
C PHE A 268 0.00 -8.27 12.72
N ASN A 269 -1.14 -8.26 12.03
CA ASN A 269 -2.16 -7.25 12.24
C ASN A 269 -3.41 -7.83 12.89
N VAL A 270 -4.10 -7.01 13.67
CA VAL A 270 -5.31 -7.44 14.37
C VAL A 270 -6.47 -6.51 14.02
N PHE A 271 -7.67 -7.08 13.93
CA PHE A 271 -8.88 -6.30 13.68
C PHE A 271 -9.88 -6.45 14.82
N GLN A 272 -10.19 -5.34 15.48
CA GLN A 272 -11.10 -5.35 16.62
C GLN A 272 -12.48 -4.84 16.23
N GLY A 273 -13.50 -5.69 16.40
CA GLY A 273 -14.86 -5.33 16.05
C GLY A 273 -15.33 -6.01 14.78
N GLY A 279 -14.31 -2.20 13.67
CA GLY A 279 -13.67 -1.22 12.81
C GLY A 279 -12.46 -0.57 13.46
N HIS A 280 -11.40 -1.35 13.62
CA HIS A 280 -10.16 -0.87 14.23
C HIS A 280 -9.03 -1.84 13.98
N TYR A 281 -7.86 -1.31 13.63
CA TYR A 281 -6.70 -2.14 13.32
C TYR A 281 -5.53 -1.89 14.28
N VAL A 282 -4.77 -2.94 14.56
CA VAL A 282 -3.59 -2.85 15.42
C VAL A 282 -2.44 -3.63 14.78
N HIS A 283 -1.21 -3.15 14.96
CA HIS A 283 -0.02 -3.80 14.45
C HIS A 283 0.91 -4.24 15.58
N ALA A 284 1.43 -5.46 15.48
CA ALA A 284 2.27 -6.02 16.55
C ALA A 284 3.53 -6.68 16.01
N ARG A 285 4.56 -6.77 16.86
CA ARG A 285 5.82 -7.41 16.48
C ARG A 285 6.37 -8.26 17.63
N LEU A 286 7.43 -9.02 17.35
CA LEU A 286 8.00 -9.93 18.35
C LEU A 286 9.50 -9.74 18.54
N LYS A 287 9.87 -8.76 19.37
CA LYS A 287 11.28 -8.51 19.65
C LYS A 287 11.58 -8.63 21.15
N LEU A 290 9.11 -11.01 23.68
CA LEU A 290 7.71 -10.76 24.01
C LEU A 290 7.00 -10.00 22.89
N ILE A 291 5.68 -9.92 22.97
CA ILE A 291 4.89 -9.24 21.94
C ILE A 291 4.79 -7.74 22.18
N LEU A 292 5.20 -6.97 21.19
CA LEU A 292 5.06 -5.52 21.21
C LEU A 292 3.92 -5.10 20.31
N LYS A 293 3.00 -4.29 20.84
CA LYS A 293 1.84 -3.87 20.06
C LYS A 293 1.82 -2.35 19.85
N PHE A 294 1.26 -1.93 18.72
CA PHE A 294 1.20 -0.52 18.36
C PHE A 294 -0.23 -0.10 18.02
N ASP A 295 -1.00 0.32 19.01
CA ASP A 295 -2.36 0.80 18.75
C ASP A 295 -2.32 2.28 18.38
N SER A 296 -1.77 2.57 17.20
CA SER A 296 -1.75 3.92 16.64
C SER A 296 -1.11 4.95 17.56
N GLY A 297 0.12 4.68 18.00
CA GLY A 297 0.85 5.60 18.84
C GLY A 297 1.15 5.07 20.23
N THR A 298 0.14 4.49 20.87
CA THR A 298 0.29 3.94 22.21
C THR A 298 0.88 2.53 22.19
N VAL A 299 2.14 2.41 22.60
CA VAL A 299 2.86 1.15 22.54
C VAL A 299 2.63 0.31 23.79
N SER A 300 2.53 -1.01 23.61
CA SER A 300 2.34 -1.92 24.74
C SER A 300 3.17 -3.18 24.57
N LYS A 301 3.53 -3.79 25.71
CA LYS A 301 4.24 -5.07 25.71
C LYS A 301 3.41 -6.14 26.41
N THR A 302 3.37 -7.34 25.83
CA THR A 302 2.62 -8.44 26.40
C THR A 302 3.31 -9.77 26.11
N SER A 303 2.92 -10.81 26.83
CA SER A 303 3.51 -12.14 26.65
C SER A 303 2.53 -13.09 25.97
N ASP A 304 1.25 -12.75 26.00
CA ASP A 304 0.23 -13.51 25.28
C ASP A 304 -0.97 -12.61 24.97
N TRP A 305 -1.66 -12.89 23.87
CA TRP A 305 -2.74 -12.02 23.43
C TRP A 305 -3.87 -12.76 22.75
N LYS A 306 -5.10 -12.46 23.18
CA LYS A 306 -6.30 -12.95 22.53
C LYS A 306 -6.76 -11.92 21.50
N CYS A 307 -6.70 -12.29 20.21
CA CYS A 307 -6.96 -11.34 19.15
C CYS A 307 -7.43 -11.98 17.86
N LYS A 308 -8.03 -11.18 16.98
CA LYS A 308 -8.50 -11.64 15.69
C LYS A 308 -7.52 -11.29 14.58
N VAL A 309 -6.49 -12.13 14.44
CA VAL A 309 -5.41 -11.92 13.47
C VAL A 309 -5.92 -11.87 12.04
N THR A 310 -5.39 -10.95 11.23
CA THR A 310 -5.81 -10.84 9.83
C THR A 310 -4.65 -11.08 8.86
N ASP A 311 -3.49 -10.50 9.13
CA ASP A 311 -2.30 -10.72 8.29
C ASP A 311 -1.12 -11.12 9.16
N VAL A 312 -0.28 -12.04 8.67
CA VAL A 312 0.88 -12.48 9.43
C VAL A 312 2.16 -12.37 8.59
N LEU A 313 3.28 -12.06 9.23
CA LEU A 313 4.55 -11.93 8.54
C LEU A 313 5.60 -12.90 9.07
N PHE A 314 6.04 -13.82 8.22
CA PHE A 314 7.06 -14.81 8.58
C PHE A 314 8.38 -14.47 7.88
N PRO A 315 9.51 -14.88 8.48
CA PRO A 315 10.82 -14.66 7.85
C PRO A 315 11.03 -15.49 6.57
N GLY A 316 12.26 -15.50 6.08
CA GLY A 316 12.58 -16.14 4.80
C GLY A 316 12.31 -17.63 4.74
N GLN A 317 11.61 -18.06 3.70
CA GLN A 317 11.30 -19.47 3.51
C GLN A 317 12.37 -20.15 2.68
N LYS A 318 12.85 -21.29 3.16
CA LYS A 318 13.76 -22.14 2.40
C LYS A 318 13.29 -23.58 2.57
N TYR A 319 12.34 -23.98 1.73
CA TYR A 319 11.60 -25.22 1.96
C TYR A 319 11.37 -26.02 0.69
N SER A 320 11.53 -27.33 0.79
CA SER A 320 11.26 -28.24 -0.31
C SER A 320 10.50 -29.47 0.18
N SER A 321 9.62 -29.99 -0.66
CA SER A 321 8.85 -31.19 -0.32
C SER A 321 8.90 -32.19 -1.46
N ASP A 322 9.31 -33.42 -1.15
CA ASP A 322 9.39 -34.47 -2.16
C ASP A 322 8.00 -35.02 -2.47
N CYS A 323 7.01 -34.56 -1.71
CA CYS A 323 5.61 -34.86 -1.96
C CYS A 323 5.30 -36.36 -1.92
N ASN A 324 5.21 -36.91 -0.72
CA ASN A 324 4.85 -38.32 -0.55
C ASN A 324 3.51 -38.48 0.17
ZN ZN B . -8.42 -34.63 -14.25
C1 PGO C . -2.32 -9.65 -1.07
C2 PGO C . -2.38 -8.81 0.20
C3 PGO C . -1.64 -9.51 1.30
O1 PGO C . -1.17 -9.31 -1.80
O2 PGO C . -3.73 -8.62 0.58
C1 PGO D . 2.93 12.05 8.27
C2 PGO D . 4.17 12.78 8.73
C3 PGO D . 5.40 12.02 8.30
O1 PGO D . 1.99 12.99 7.79
O2 PGO D . 4.15 12.89 10.13
C1 PGO E . 1.65 18.40 -4.92
C2 PGO E . 0.50 19.02 -4.17
C3 PGO E . -0.15 20.06 -5.05
O1 PGO E . 2.74 19.30 -4.95
O2 PGO E . 0.99 19.63 -2.99
#